data_2DXT
#
_entry.id   2DXT
#
_cell.length_a   38.134
_cell.length_b   82.826
_cell.length_c   72.220
_cell.angle_alpha   90.00
_cell.angle_beta   102.53
_cell.angle_gamma   90.00
#
_symmetry.space_group_name_H-M   'P 1 21 1'
#
loop_
_entity.id
_entity.type
_entity.pdbx_description
1 polymer 'biotin--[acetyl-CoA-carboxylase] ligase'
2 non-polymer "ADENOSINE-5'-TRIPHOSPHATE"
3 non-polymer BIOTIN
4 water water
#
_entity_poly.entity_id   1
_entity_poly.type   'polypeptide(L)'
_entity_poly.pdbx_seq_one_letter_code
;MLGLKTSIIGRRVIYFQEITSTNEFAKTSYLEEGTVIVADKQTMGHGRLNRKWESPEGGLWLSIVLSPKVPQKDLPKIVF
LGAVGVVETLKEFSIDGRIKWPNAVLVNYKKIAGVLVEGKGDKIVLGIGLNVNNKVPNGATSMKLELGSEVPLLSVFRSL
ITNLDRLYLNFLKNPMDILNLVRDNMILGVRVKILGDGSFEGIAEDIDDFGRLIIRLDSGEVKKVIYGDVSLRFL
;
_entity_poly.pdbx_strand_id   A,B
#
loop_
_chem_comp.id
_chem_comp.type
_chem_comp.name
_chem_comp.formula
ATP non-polymer ADENOSINE-5'-TRIPHOSPHATE 'C10 H16 N5 O13 P3'
BTN non-polymer BIOTIN 'C10 H16 N2 O3 S'
#
# COMPACT_ATOMS: atom_id res chain seq x y z
N MET A 1 -5.25 -5.18 2.12
CA MET A 1 -6.02 -4.70 3.30
C MET A 1 -6.77 -3.42 2.95
N LEU A 2 -6.43 -2.83 1.81
CA LEU A 2 -7.05 -1.57 1.37
C LEU A 2 -8.43 -1.77 0.78
N GLY A 3 -8.67 -2.96 0.22
CA GLY A 3 -9.98 -3.24 -0.36
C GLY A 3 -10.40 -2.37 -1.52
N LEU A 4 -9.44 -1.98 -2.36
CA LEU A 4 -9.78 -1.16 -3.53
C LEU A 4 -10.64 -2.00 -4.48
N LYS A 5 -11.63 -1.39 -5.10
CA LYS A 5 -12.53 -2.11 -6.00
C LYS A 5 -12.46 -1.59 -7.44
N THR A 6 -11.32 -1.03 -7.80
CA THR A 6 -11.09 -0.49 -9.14
C THR A 6 -10.77 -1.60 -10.14
N SER A 7 -10.93 -1.31 -11.43
CA SER A 7 -10.67 -2.28 -12.48
C SER A 7 -9.21 -2.38 -12.89
N ILE A 8 -8.57 -1.24 -13.12
CA ILE A 8 -7.18 -1.22 -13.53
C ILE A 8 -6.29 -0.43 -12.60
N ILE A 9 -6.58 0.86 -12.45
CA ILE A 9 -5.76 1.70 -11.58
C ILE A 9 -5.98 1.36 -10.12
N GLY A 10 -4.92 0.87 -9.49
CA GLY A 10 -5.01 0.49 -8.09
C GLY A 10 -5.04 -1.02 -7.92
N ARG A 11 -4.81 -1.76 -9.01
CA ARG A 11 -4.77 -3.22 -8.94
C ARG A 11 -3.68 -3.60 -7.93
N ARG A 12 -2.62 -2.81 -7.93
CA ARG A 12 -1.50 -2.97 -7.01
C ARG A 12 -1.08 -1.58 -6.59
N VAL A 13 -0.62 -1.46 -5.35
CA VAL A 13 -0.16 -0.17 -4.83
C VAL A 13 1.14 -0.39 -4.08
N ILE A 14 2.17 0.37 -4.42
CA ILE A 14 3.44 0.27 -3.73
C ILE A 14 3.62 1.55 -2.95
N TYR A 15 3.58 1.43 -1.62
CA TYR A 15 3.73 2.55 -0.71
C TYR A 15 5.14 2.65 -0.12
N PHE A 16 5.64 3.87 -0.03
CA PHE A 16 6.98 4.12 0.53
C PHE A 16 6.91 5.18 1.62
N GLN A 17 7.64 4.99 2.72
CA GLN A 17 7.70 6.04 3.71
C GLN A 17 8.41 7.24 3.12
N GLU A 18 9.44 6.92 2.32
CA GLU A 18 10.17 7.95 1.60
C GLU A 18 10.74 7.41 0.29
N ILE A 19 10.81 8.28 -0.71
CA ILE A 19 11.30 7.88 -2.02
C ILE A 19 11.97 9.08 -2.68
N THR A 20 12.77 8.85 -3.70
CA THR A 20 13.40 9.96 -4.41
C THR A 20 12.28 10.64 -5.21
N SER A 21 11.61 9.87 -6.05
CA SER A 21 10.51 10.37 -6.88
C SER A 21 9.66 9.20 -7.36
N THR A 22 8.34 9.30 -7.16
CA THR A 22 7.45 8.22 -7.59
C THR A 22 7.46 8.11 -9.12
N ASN A 23 7.61 9.22 -9.83
CA ASN A 23 7.65 9.18 -11.29
C ASN A 23 8.90 8.43 -11.76
N GLU A 24 10.04 8.74 -11.15
CA GLU A 24 11.29 8.08 -11.53
C GLU A 24 11.24 6.58 -11.20
N PHE A 25 10.70 6.23 -10.04
CA PHE A 25 10.61 4.83 -9.66
C PHE A 25 9.70 4.09 -10.64
N ALA A 26 8.58 4.72 -10.99
CA ALA A 26 7.62 4.12 -11.91
C ALA A 26 8.17 3.94 -13.33
N LYS A 27 8.96 4.91 -13.78
CA LYS A 27 9.55 4.85 -15.12
C LYS A 27 10.64 3.79 -15.20
N THR A 28 11.40 3.69 -14.12
CA THR A 28 12.52 2.76 -14.04
C THR A 28 12.20 1.30 -13.77
N SER A 29 11.29 1.07 -12.84
CA SER A 29 10.93 -0.28 -12.45
C SER A 29 10.02 -1.06 -13.40
N TYR A 30 10.09 -2.39 -13.29
CA TYR A 30 9.24 -3.26 -14.10
C TYR A 30 7.94 -3.38 -13.33
N LEU A 31 6.90 -2.72 -13.84
CA LEU A 31 5.60 -2.70 -13.17
C LEU A 31 4.46 -2.96 -14.14
N GLU A 32 3.40 -3.60 -13.65
CA GLU A 32 2.25 -3.91 -14.47
C GLU A 32 1.31 -2.71 -14.57
N GLU A 33 0.51 -2.68 -15.63
CA GLU A 33 -0.43 -1.58 -15.82
C GLU A 33 -1.36 -1.44 -14.63
N GLY A 34 -1.58 -0.20 -14.21
CA GLY A 34 -2.47 0.06 -13.10
C GLY A 34 -1.80 0.17 -11.74
N THR A 35 -0.53 -0.18 -11.68
CA THR A 35 0.18 -0.10 -10.41
C THR A 35 0.40 1.35 -10.03
N VAL A 36 0.07 1.64 -8.77
CA VAL A 36 0.20 2.99 -8.22
C VAL A 36 1.40 3.03 -7.28
N ILE A 37 2.26 4.02 -7.47
CA ILE A 37 3.44 4.22 -6.63
C ILE A 37 3.12 5.45 -5.79
N VAL A 38 3.12 5.31 -4.46
CA VAL A 38 2.80 6.44 -3.59
C VAL A 38 3.78 6.53 -2.42
N ALA A 39 4.10 7.75 -2.01
CA ALA A 39 5.05 7.95 -0.91
C ALA A 39 4.66 9.08 0.03
N ASP A 40 5.01 8.94 1.30
CA ASP A 40 4.69 9.98 2.28
C ASP A 40 5.43 11.26 1.94
N LYS A 41 6.65 11.11 1.44
CA LYS A 41 7.47 12.26 1.07
C LYS A 41 8.45 11.86 -0.01
N GLN A 42 8.85 12.85 -0.81
CA GLN A 42 9.81 12.64 -1.89
C GLN A 42 11.02 13.53 -1.62
N THR A 43 12.21 13.01 -1.83
CA THR A 43 13.42 13.80 -1.60
C THR A 43 13.87 14.47 -2.90
N MET A 44 13.39 13.96 -4.02
CA MET A 44 13.77 14.53 -5.31
C MET A 44 12.57 14.66 -6.25
N GLY A 45 11.45 15.11 -5.70
CA GLY A 45 10.27 15.28 -6.52
C GLY A 45 10.52 16.34 -7.56
N HIS A 46 9.93 16.19 -8.75
CA HIS A 46 10.14 17.19 -9.78
C HIS A 46 8.93 17.42 -10.68
N GLY A 47 8.94 18.58 -11.34
CA GLY A 47 7.90 18.90 -12.28
C GLY A 47 8.57 18.83 -13.63
N ARG A 48 8.21 19.70 -14.57
CA ARG A 48 8.86 19.68 -15.88
C ARG A 48 10.26 20.26 -15.81
N LEU A 49 11.09 19.93 -16.80
CA LEU A 49 12.46 20.44 -16.87
C LEU A 49 13.21 20.32 -15.54
N ASN A 50 13.04 19.18 -14.88
CA ASN A 50 13.67 18.89 -13.61
C ASN A 50 13.51 19.94 -12.52
N ARG A 51 12.47 20.76 -12.65
CA ARG A 51 12.18 21.80 -11.66
C ARG A 51 11.77 21.07 -10.39
N LYS A 52 12.19 21.56 -9.23
CA LYS A 52 11.83 20.89 -8.01
C LYS A 52 10.39 21.01 -7.59
N TRP A 53 9.86 19.90 -7.10
CA TRP A 53 8.50 19.86 -6.61
C TRP A 53 8.59 19.51 -5.13
N GLU A 54 8.23 20.45 -4.27
CA GLU A 54 8.28 20.25 -2.83
C GLU A 54 7.30 19.14 -2.46
N SER A 55 7.79 18.10 -1.81
CA SER A 55 6.97 16.95 -1.45
C SER A 55 7.09 16.53 0.01
N PRO A 56 6.73 17.43 0.95
CA PRO A 56 6.82 17.09 2.37
C PRO A 56 5.71 16.16 2.82
N GLU A 57 5.85 15.59 4.02
CA GLU A 57 4.81 14.72 4.56
C GLU A 57 3.51 15.52 4.72
N GLY A 58 2.38 14.87 4.42
CA GLY A 58 1.11 15.54 4.53
C GLY A 58 0.40 15.64 3.20
N GLY A 59 1.16 15.55 2.11
CA GLY A 59 0.60 15.64 0.78
C GLY A 59 0.44 14.29 0.11
N LEU A 60 -0.17 14.30 -1.08
CA LEU A 60 -0.38 13.08 -1.86
C LEU A 60 0.52 13.13 -3.08
N TRP A 61 1.56 12.29 -3.04
CA TRP A 61 2.54 12.21 -4.11
C TRP A 61 2.47 10.80 -4.70
N LEU A 62 1.97 10.69 -5.93
CA LEU A 62 1.83 9.36 -6.53
C LEU A 62 2.02 9.37 -8.04
N SER A 63 2.26 8.18 -8.58
CA SER A 63 2.42 7.98 -10.01
C SER A 63 1.69 6.71 -10.37
N ILE A 64 1.13 6.68 -11.57
CA ILE A 64 0.38 5.52 -12.02
C ILE A 64 0.96 5.03 -13.34
N VAL A 65 1.19 3.72 -13.42
CA VAL A 65 1.72 3.10 -14.62
C VAL A 65 0.55 2.77 -15.54
N LEU A 66 0.60 3.30 -16.76
CA LEU A 66 -0.46 3.06 -17.74
C LEU A 66 0.14 2.49 -19.03
N SER A 67 -0.64 1.72 -19.75
CA SER A 67 -0.21 1.14 -21.01
C SER A 67 -1.40 1.29 -21.94
N PRO A 68 -1.83 2.53 -22.18
CA PRO A 68 -2.98 2.84 -23.04
C PRO A 68 -2.82 2.32 -24.46
N LYS A 69 -3.87 1.68 -24.94
CA LYS A 69 -3.88 1.17 -26.30
C LYS A 69 -4.68 2.20 -27.06
N VAL A 70 -3.97 3.19 -27.57
CA VAL A 70 -4.58 4.28 -28.30
C VAL A 70 -3.56 4.86 -29.28
N PRO A 71 -4.05 5.47 -30.37
CA PRO A 71 -3.14 6.04 -31.38
C PRO A 71 -2.26 7.12 -30.76
N GLN A 72 -1.13 7.38 -31.41
CA GLN A 72 -0.17 8.39 -30.92
C GLN A 72 -0.83 9.73 -30.67
N LYS A 73 -1.73 10.11 -31.55
CA LYS A 73 -2.41 11.40 -31.44
C LYS A 73 -3.24 11.60 -30.17
N ASP A 74 -3.55 10.52 -29.45
CA ASP A 74 -4.36 10.62 -28.25
C ASP A 74 -3.59 10.66 -26.93
N LEU A 75 -2.33 10.24 -26.96
CA LEU A 75 -1.49 10.21 -25.76
C LEU A 75 -1.34 11.57 -25.08
N PRO A 76 -1.28 12.67 -25.85
CA PRO A 76 -1.15 13.98 -25.20
C PRO A 76 -2.30 14.32 -24.26
N LYS A 77 -3.38 13.55 -24.34
CA LYS A 77 -4.55 13.78 -23.51
C LYS A 77 -4.50 13.16 -22.10
N ILE A 78 -3.55 12.25 -21.89
CA ILE A 78 -3.44 11.60 -20.60
C ILE A 78 -3.24 12.56 -19.42
N VAL A 79 -2.55 13.66 -19.65
CA VAL A 79 -2.33 14.63 -18.58
C VAL A 79 -3.68 15.16 -18.09
N PHE A 80 -4.65 15.25 -18.99
CA PHE A 80 -5.97 15.74 -18.62
C PHE A 80 -6.70 14.79 -17.68
N LEU A 81 -6.42 13.49 -17.80
CA LEU A 81 -7.06 12.52 -16.91
C LEU A 81 -6.65 12.85 -15.48
N GLY A 82 -5.38 13.20 -15.31
CA GLY A 82 -4.88 13.54 -13.98
C GLY A 82 -5.49 14.82 -13.47
N ALA A 83 -5.50 15.85 -14.31
CA ALA A 83 -6.07 17.13 -13.90
C ALA A 83 -7.55 17.01 -13.54
N VAL A 84 -8.32 16.33 -14.39
CA VAL A 84 -9.75 16.17 -14.11
C VAL A 84 -9.99 15.31 -12.87
N GLY A 85 -9.19 14.25 -12.73
CA GLY A 85 -9.34 13.38 -11.56
C GLY A 85 -9.17 14.18 -10.29
N VAL A 86 -8.19 15.07 -10.28
CA VAL A 86 -7.93 15.89 -9.11
C VAL A 86 -9.09 16.84 -8.87
N VAL A 87 -9.60 17.46 -9.92
CA VAL A 87 -10.72 18.38 -9.76
C VAL A 87 -11.93 17.64 -9.18
N GLU A 88 -12.23 16.46 -9.71
CA GLU A 88 -13.35 15.68 -9.22
C GLU A 88 -13.19 15.34 -7.73
N THR A 89 -11.97 14.95 -7.34
CA THR A 89 -11.72 14.61 -5.94
C THR A 89 -11.90 15.87 -5.07
N LEU A 90 -11.37 17.00 -5.54
CA LEU A 90 -11.50 18.24 -4.78
C LEU A 90 -12.97 18.61 -4.61
N LYS A 91 -13.77 18.42 -5.66
CA LYS A 91 -15.19 18.75 -5.55
C LYS A 91 -15.88 17.85 -4.53
N GLU A 92 -15.41 16.60 -4.42
CA GLU A 92 -15.98 15.68 -3.44
C GLU A 92 -15.74 16.20 -2.02
N PHE A 93 -14.63 16.96 -1.86
CA PHE A 93 -14.32 17.54 -0.54
C PHE A 93 -14.77 19.01 -0.46
N SER A 94 -15.58 19.43 -1.48
CA SER A 94 -16.14 20.79 -1.54
C SER A 94 -15.07 21.88 -1.71
N ILE A 95 -14.04 21.58 -2.49
CA ILE A 95 -13.00 22.54 -2.80
C ILE A 95 -13.14 22.86 -4.29
N ASP A 96 -13.16 24.14 -4.62
CA ASP A 96 -13.34 24.58 -6.00
C ASP A 96 -12.06 24.61 -6.83
N GLY A 97 -11.59 23.44 -7.25
CA GLY A 97 -10.39 23.40 -8.07
C GLY A 97 -10.71 23.68 -9.53
N ARG A 98 -9.87 24.49 -10.17
CA ARG A 98 -10.03 24.84 -11.58
C ARG A 98 -8.72 24.52 -12.30
N ILE A 99 -8.83 24.00 -13.52
CA ILE A 99 -7.64 23.64 -14.28
C ILE A 99 -6.93 24.78 -14.99
N LYS A 100 -5.62 24.84 -14.78
CA LYS A 100 -4.78 25.80 -15.46
C LYS A 100 -4.17 24.90 -16.52
N TRP A 101 -4.54 25.17 -17.77
CA TRP A 101 -4.08 24.35 -18.90
C TRP A 101 -2.56 24.23 -18.91
N PRO A 102 -2.09 22.99 -19.15
CA PRO A 102 -2.93 21.80 -19.18
C PRO A 102 -2.68 20.81 -18.01
N ASN A 103 -1.76 21.19 -17.07
CA ASN A 103 -1.30 20.19 -16.09
C ASN A 103 -1.41 20.67 -14.62
N ALA A 104 -2.15 21.73 -14.32
CA ALA A 104 -2.23 22.16 -12.94
C ALA A 104 -3.66 22.46 -12.52
N VAL A 105 -3.89 22.42 -11.22
CA VAL A 105 -5.20 22.72 -10.67
C VAL A 105 -5.00 23.84 -9.66
N LEU A 106 -5.83 24.88 -9.75
CA LEU A 106 -5.72 26.00 -8.84
C LEU A 106 -7.00 26.19 -8.05
N VAL A 107 -6.86 26.83 -6.90
CA VAL A 107 -8.00 27.17 -6.05
C VAL A 107 -7.73 28.64 -5.78
N ASN A 108 -8.61 29.50 -6.29
CA ASN A 108 -8.46 30.94 -6.17
C ASN A 108 -7.11 31.37 -6.75
N TYR A 109 -6.77 30.74 -7.87
CA TYR A 109 -5.53 31.01 -8.60
C TYR A 109 -4.23 30.58 -7.93
N LYS A 110 -4.34 29.84 -6.82
CA LYS A 110 -3.15 29.34 -6.14
C LYS A 110 -3.04 27.85 -6.47
N LYS A 111 -1.84 27.42 -6.84
CA LYS A 111 -1.60 26.03 -7.24
C LYS A 111 -1.74 25.03 -6.10
N ILE A 112 -2.68 24.09 -6.25
CA ILE A 112 -2.91 23.07 -5.23
C ILE A 112 -2.43 21.70 -5.72
N ALA A 113 -2.23 21.55 -7.02
CA ALA A 113 -1.78 20.29 -7.59
C ALA A 113 -1.14 20.46 -8.95
N GLY A 114 -0.26 19.52 -9.26
CA GLY A 114 0.44 19.52 -10.55
C GLY A 114 0.45 18.11 -11.10
N VAL A 115 0.43 17.98 -12.42
CA VAL A 115 0.41 16.68 -13.08
C VAL A 115 1.58 16.60 -14.04
N LEU A 116 2.30 15.48 -14.05
CA LEU A 116 3.45 15.30 -14.93
C LEU A 116 3.42 13.91 -15.57
N VAL A 117 3.26 13.89 -16.89
CA VAL A 117 3.20 12.64 -17.64
C VAL A 117 4.53 12.39 -18.36
N GLU A 118 5.05 11.18 -18.18
CA GLU A 118 6.31 10.81 -18.81
C GLU A 118 6.08 9.46 -19.47
N GLY A 119 6.55 9.31 -20.70
CA GLY A 119 6.33 8.05 -21.37
C GLY A 119 7.26 7.75 -22.54
N LYS A 120 7.72 6.50 -22.56
CA LYS A 120 8.62 6.00 -23.58
C LYS A 120 7.90 4.86 -24.31
N GLY A 121 7.26 5.18 -25.43
CA GLY A 121 6.56 4.18 -26.19
C GLY A 121 5.38 3.52 -25.51
N ASP A 122 5.56 2.26 -25.12
CA ASP A 122 4.53 1.46 -24.48
C ASP A 122 4.09 1.87 -23.06
N LYS A 123 5.04 2.21 -22.20
CA LYS A 123 4.70 2.59 -20.82
C LYS A 123 4.57 4.10 -20.63
N ILE A 124 3.45 4.51 -20.03
CA ILE A 124 3.20 5.92 -19.75
C ILE A 124 3.06 6.05 -18.24
N VAL A 125 3.73 7.03 -17.65
CA VAL A 125 3.65 7.24 -16.21
C VAL A 125 2.92 8.54 -15.94
N LEU A 126 1.81 8.44 -15.21
CA LEU A 126 1.01 9.62 -14.86
C LEU A 126 1.32 10.01 -13.42
N GLY A 127 2.05 11.12 -13.26
CA GLY A 127 2.42 11.60 -11.93
C GLY A 127 1.51 12.71 -11.45
N ILE A 128 1.12 12.65 -10.18
CA ILE A 128 0.23 13.66 -9.60
C ILE A 128 0.71 14.06 -8.21
N GLY A 129 0.84 15.36 -7.99
CA GLY A 129 1.24 15.86 -6.68
C GLY A 129 0.11 16.75 -6.23
N LEU A 130 -0.49 16.44 -5.09
CA LEU A 130 -1.62 17.22 -4.56
C LEU A 130 -1.33 17.63 -3.11
N ASN A 131 -1.39 18.93 -2.83
CA ASN A 131 -1.14 19.41 -1.48
C ASN A 131 -2.36 19.17 -0.63
N VAL A 132 -2.22 18.35 0.42
CA VAL A 132 -3.34 18.06 1.29
C VAL A 132 -3.16 18.73 2.65
N ASN A 133 -2.35 18.13 3.52
CA ASN A 133 -2.10 18.67 4.86
C ASN A 133 -0.70 19.25 5.03
N ASN A 134 0.13 19.16 4.00
CA ASN A 134 1.51 19.63 4.06
C ASN A 134 1.70 21.15 3.95
N LYS A 135 2.88 21.62 4.35
CA LYS A 135 3.22 23.02 4.22
C LYS A 135 3.48 23.17 2.74
N VAL A 136 3.19 24.36 2.20
CA VAL A 136 3.40 24.60 0.78
C VAL A 136 4.25 25.83 0.50
N PRO A 137 4.86 25.91 -0.68
CA PRO A 137 5.68 27.07 -1.03
C PRO A 137 4.80 28.26 -1.35
N ASN A 138 5.28 29.47 -1.09
CA ASN A 138 4.46 30.64 -1.37
C ASN A 138 4.05 30.61 -2.84
N GLY A 139 2.79 31.01 -3.10
CA GLY A 139 2.27 30.89 -4.45
C GLY A 139 1.42 29.63 -4.64
N ALA A 140 1.35 28.83 -3.57
CA ALA A 140 0.56 27.60 -3.62
C ALA A 140 -0.46 27.54 -2.48
N THR A 141 -1.28 26.49 -2.49
CA THR A 141 -2.27 26.27 -1.47
C THR A 141 -2.45 24.77 -1.24
N SER A 142 -3.28 24.39 -0.28
CA SER A 142 -3.51 22.98 0.03
C SER A 142 -4.95 22.78 0.46
N MET A 143 -5.38 21.52 0.50
CA MET A 143 -6.74 21.20 0.90
C MET A 143 -6.99 21.69 2.33
N LYS A 144 -6.01 21.48 3.19
CA LYS A 144 -6.10 21.90 4.60
C LYS A 144 -6.27 23.41 4.72
N LEU A 145 -5.48 24.15 3.96
CA LEU A 145 -5.55 25.61 4.00
C LEU A 145 -6.87 26.15 3.47
N GLU A 146 -7.44 25.46 2.48
CA GLU A 146 -8.70 25.88 1.89
C GLU A 146 -9.91 25.56 2.77
N LEU A 147 -9.87 24.40 3.43
CA LEU A 147 -10.99 23.98 4.28
C LEU A 147 -10.84 24.47 5.72
N GLY A 148 -9.63 24.83 6.10
CA GLY A 148 -9.38 25.31 7.45
C GLY A 148 -9.22 24.19 8.46
N SER A 149 -9.06 22.96 7.96
CA SER A 149 -8.89 21.79 8.82
C SER A 149 -8.22 20.64 8.07
N GLU A 150 -7.57 19.75 8.83
CA GLU A 150 -6.89 18.60 8.26
C GLU A 150 -7.84 17.64 7.57
N VAL A 151 -7.37 17.01 6.50
CA VAL A 151 -8.16 16.05 5.73
C VAL A 151 -7.47 14.69 5.76
N PRO A 152 -8.24 13.61 5.99
CA PRO A 152 -7.68 12.25 6.04
C PRO A 152 -7.02 11.93 4.71
N LEU A 153 -5.69 11.86 4.72
CA LEU A 153 -4.94 11.60 3.50
C LEU A 153 -5.39 10.35 2.76
N LEU A 154 -5.69 9.27 3.50
CA LEU A 154 -6.13 8.04 2.85
C LEU A 154 -7.48 8.22 2.14
N SER A 155 -8.35 9.05 2.70
CA SER A 155 -9.64 9.30 2.06
C SER A 155 -9.44 10.00 0.73
N VAL A 156 -8.47 10.92 0.68
CA VAL A 156 -8.18 11.62 -0.56
C VAL A 156 -7.63 10.62 -1.58
N PHE A 157 -6.73 9.75 -1.13
CA PHE A 157 -6.15 8.72 -2.00
C PHE A 157 -7.24 7.83 -2.61
N ARG A 158 -8.12 7.31 -1.76
CA ARG A 158 -9.21 6.45 -2.22
C ARG A 158 -10.08 7.16 -3.25
N SER A 159 -10.43 8.41 -2.95
CA SER A 159 -11.26 9.21 -3.84
C SER A 159 -10.59 9.39 -5.21
N LEU A 160 -9.34 9.83 -5.21
CA LEU A 160 -8.61 10.05 -6.45
C LEU A 160 -8.44 8.80 -7.29
N ILE A 161 -8.06 7.68 -6.66
CA ILE A 161 -7.88 6.45 -7.40
C ILE A 161 -9.18 5.98 -8.05
N THR A 162 -10.29 6.10 -7.33
CA THR A 162 -11.59 5.72 -7.87
C THR A 162 -11.91 6.57 -9.10
N ASN A 163 -11.72 7.89 -8.98
CA ASN A 163 -12.00 8.78 -10.09
C ASN A 163 -11.10 8.51 -11.28
N LEU A 164 -9.81 8.33 -11.04
CA LEU A 164 -8.86 8.07 -12.12
C LEU A 164 -9.18 6.78 -12.86
N ASP A 165 -9.54 5.73 -12.13
CA ASP A 165 -9.85 4.45 -12.76
C ASP A 165 -11.02 4.61 -13.73
N ARG A 166 -12.07 5.30 -13.28
CA ARG A 166 -13.25 5.52 -14.12
C ARG A 166 -12.90 6.33 -15.36
N LEU A 167 -12.17 7.42 -15.15
CA LEU A 167 -11.75 8.28 -16.25
C LEU A 167 -10.89 7.54 -17.27
N TYR A 168 -9.95 6.74 -16.76
CA TYR A 168 -9.06 6.00 -17.64
C TYR A 168 -9.81 4.95 -18.47
N LEU A 169 -10.69 4.19 -17.83
CA LEU A 169 -11.45 3.18 -18.54
C LEU A 169 -12.29 3.80 -19.65
N ASN A 170 -12.88 4.95 -19.37
CA ASN A 170 -13.69 5.61 -20.38
C ASN A 170 -12.82 6.22 -21.46
N PHE A 171 -11.61 6.64 -21.09
CA PHE A 171 -10.68 7.23 -22.05
C PHE A 171 -10.32 6.22 -23.12
N LEU A 172 -10.14 4.97 -22.72
CA LEU A 172 -9.79 3.92 -23.67
C LEU A 172 -10.93 3.71 -24.66
N LYS A 173 -12.16 3.94 -24.20
CA LYS A 173 -13.33 3.76 -25.06
C LYS A 173 -13.59 5.00 -25.91
N ASN A 174 -13.68 6.15 -25.25
CA ASN A 174 -13.95 7.42 -25.91
C ASN A 174 -12.90 8.44 -25.51
N PRO A 175 -11.75 8.44 -26.20
CA PRO A 175 -10.65 9.37 -25.92
C PRO A 175 -10.97 10.86 -26.03
N MET A 176 -12.11 11.21 -26.62
CA MET A 176 -12.50 12.60 -26.78
C MET A 176 -13.30 13.13 -25.59
N ASP A 177 -13.95 12.22 -24.87
CA ASP A 177 -14.77 12.59 -23.72
C ASP A 177 -14.06 13.45 -22.68
N ILE A 178 -12.80 13.13 -22.41
CA ILE A 178 -12.04 13.87 -21.41
C ILE A 178 -11.93 15.35 -21.76
N LEU A 179 -11.91 15.67 -23.05
CA LEU A 179 -11.79 17.06 -23.47
C LEU A 179 -12.96 17.92 -22.98
N ASN A 180 -14.16 17.35 -23.00
CA ASN A 180 -15.34 18.08 -22.54
C ASN A 180 -15.25 18.35 -21.03
N LEU A 181 -14.76 17.37 -20.28
CA LEU A 181 -14.63 17.53 -18.85
C LEU A 181 -13.60 18.60 -18.52
N VAL A 182 -12.54 18.66 -19.32
CA VAL A 182 -11.51 19.67 -19.12
C VAL A 182 -12.11 21.05 -19.40
N ARG A 183 -12.82 21.17 -20.51
CA ARG A 183 -13.45 22.44 -20.87
C ARG A 183 -14.35 22.95 -19.75
N ASP A 184 -15.15 22.06 -19.19
CA ASP A 184 -16.09 22.43 -18.12
C ASP A 184 -15.43 22.84 -16.81
N ASN A 185 -14.18 22.44 -16.61
CA ASN A 185 -13.49 22.73 -15.36
C ASN A 185 -12.19 23.52 -15.50
N MET A 186 -11.97 24.15 -16.64
CA MET A 186 -10.74 24.90 -16.82
C MET A 186 -10.96 26.40 -16.77
N ILE A 187 -9.88 27.13 -16.48
CA ILE A 187 -9.95 28.58 -16.43
C ILE A 187 -9.88 29.14 -17.84
N LEU A 188 -10.95 29.82 -18.26
CA LEU A 188 -11.01 30.40 -19.59
C LEU A 188 -11.63 31.79 -19.57
N GLY A 189 -11.53 32.49 -20.69
CA GLY A 189 -12.10 33.82 -20.80
C GLY A 189 -11.29 34.92 -20.13
N VAL A 190 -10.04 34.63 -19.78
CA VAL A 190 -9.18 35.61 -19.15
C VAL A 190 -7.88 35.73 -19.95
N ARG A 191 -7.16 36.83 -19.75
CA ARG A 191 -5.91 37.03 -20.48
C ARG A 191 -4.80 36.18 -19.90
N VAL A 192 -3.98 35.62 -20.78
CA VAL A 192 -2.86 34.79 -20.38
C VAL A 192 -1.66 35.12 -21.25
N LYS A 193 -0.49 34.72 -20.78
CA LYS A 193 0.74 34.95 -21.53
C LYS A 193 1.39 33.60 -21.74
N ILE A 194 1.79 33.32 -22.97
CA ILE A 194 2.44 32.06 -23.27
C ILE A 194 3.94 32.31 -23.39
N LEU A 195 4.71 31.62 -22.55
CA LEU A 195 6.15 31.78 -22.55
C LEU A 195 6.86 30.54 -23.08
N GLY A 196 7.37 30.64 -24.31
CA GLY A 196 8.09 29.56 -24.94
C GLY A 196 9.22 30.19 -25.71
N ASP A 197 9.43 29.77 -26.95
CA ASP A 197 10.48 30.39 -27.76
C ASP A 197 9.85 31.71 -28.19
N GLY A 198 9.94 32.70 -27.31
CA GLY A 198 9.32 33.99 -27.56
C GLY A 198 8.06 33.98 -26.73
N SER A 199 7.20 34.98 -26.87
CA SER A 199 5.99 35.00 -26.07
C SER A 199 4.90 35.83 -26.73
N PHE A 200 3.68 35.67 -26.26
CA PHE A 200 2.55 36.42 -26.76
C PHE A 200 1.42 36.37 -25.74
N GLU A 201 0.55 37.37 -25.79
CA GLU A 201 -0.58 37.47 -24.88
C GLU A 201 -1.90 37.42 -25.63
N GLY A 202 -2.95 37.05 -24.91
CA GLY A 202 -4.27 36.97 -25.50
C GLY A 202 -5.27 36.33 -24.57
N ILE A 203 -6.50 36.19 -25.05
CA ILE A 203 -7.55 35.58 -24.25
C ILE A 203 -7.58 34.08 -24.47
N ALA A 204 -7.59 33.32 -23.36
CA ALA A 204 -7.65 31.87 -23.43
C ALA A 204 -9.12 31.54 -23.70
N GLU A 205 -9.41 31.20 -24.95
CA GLU A 205 -10.78 30.93 -25.38
C GLU A 205 -11.35 29.54 -25.09
N ASP A 206 -10.55 28.51 -25.33
CA ASP A 206 -11.01 27.14 -25.14
C ASP A 206 -9.88 26.19 -25.55
N ILE A 207 -10.17 24.90 -25.59
CA ILE A 207 -9.19 23.91 -26.04
C ILE A 207 -9.85 23.25 -27.24
N ASP A 208 -9.06 22.90 -28.25
CA ASP A 208 -9.63 22.28 -29.44
C ASP A 208 -9.71 20.76 -29.33
N ASP A 209 -10.04 20.11 -30.44
CA ASP A 209 -10.21 18.66 -30.47
C ASP A 209 -8.93 17.86 -30.19
N PHE A 210 -7.78 18.57 -30.16
CA PHE A 210 -6.49 17.94 -29.84
C PHE A 210 -5.99 18.32 -28.44
N GLY A 211 -6.84 19.07 -27.73
CA GLY A 211 -6.45 19.54 -26.40
C GLY A 211 -5.54 20.78 -26.43
N ARG A 212 -5.34 21.34 -27.61
CA ARG A 212 -4.51 22.53 -27.76
C ARG A 212 -5.25 23.74 -27.21
N LEU A 213 -4.51 24.63 -26.54
CA LEU A 213 -5.14 25.82 -25.99
C LEU A 213 -5.32 26.85 -27.10
N ILE A 214 -6.54 27.35 -27.24
CA ILE A 214 -6.86 28.35 -28.28
C ILE A 214 -6.77 29.75 -27.67
N ILE A 215 -5.85 30.54 -28.19
CA ILE A 215 -5.67 31.90 -27.70
C ILE A 215 -5.97 32.91 -28.81
N ARG A 216 -6.72 33.95 -28.45
CA ARG A 216 -7.07 35.01 -29.40
C ARG A 216 -6.25 36.24 -29.00
N LEU A 217 -5.31 36.62 -29.87
CA LEU A 217 -4.51 37.81 -29.59
C LEU A 217 -5.30 39.06 -29.93
N ASP A 218 -4.88 40.17 -29.29
CA ASP A 218 -5.56 41.45 -29.47
C ASP A 218 -5.81 41.84 -30.94
N SER A 219 -4.89 41.41 -31.83
CA SER A 219 -5.09 41.71 -33.25
C SER A 219 -6.21 40.86 -33.86
N GLY A 220 -6.58 39.80 -33.13
CA GLY A 220 -7.60 38.90 -33.64
C GLY A 220 -6.98 37.59 -34.12
N GLU A 221 -5.63 37.61 -34.28
CA GLU A 221 -4.94 36.38 -34.66
C GLU A 221 -5.23 35.27 -33.65
N VAL A 222 -5.44 34.06 -34.15
CA VAL A 222 -5.71 32.92 -33.31
C VAL A 222 -4.51 31.97 -33.34
N LYS A 223 -4.00 31.61 -32.16
CA LYS A 223 -2.88 30.68 -32.09
C LYS A 223 -3.33 29.43 -31.33
N LYS A 224 -2.79 28.29 -31.73
CA LYS A 224 -3.13 27.01 -31.09
C LYS A 224 -1.87 26.55 -30.38
N VAL A 225 -1.94 26.43 -29.07
CA VAL A 225 -0.78 26.06 -28.28
C VAL A 225 -0.68 24.60 -27.85
N ILE A 226 0.50 24.01 -28.09
CA ILE A 226 0.81 22.64 -27.67
C ILE A 226 1.74 22.93 -26.49
N TYR A 227 1.33 22.53 -25.29
CA TYR A 227 2.13 22.84 -24.10
C TYR A 227 3.62 22.59 -24.22
N GLY A 228 4.03 21.35 -24.37
CA GLY A 228 5.45 21.05 -24.49
C GLY A 228 6.26 21.79 -23.44
N ASP A 229 7.23 22.58 -23.89
CA ASP A 229 8.10 23.36 -23.01
C ASP A 229 7.69 24.83 -22.93
N VAL A 230 6.41 25.09 -22.72
CA VAL A 230 5.96 26.48 -22.63
C VAL A 230 5.30 26.65 -21.27
N SER A 231 5.27 27.87 -20.77
CA SER A 231 4.65 28.12 -19.48
C SER A 231 3.54 29.14 -19.69
N LEU A 232 2.40 28.91 -19.05
CA LEU A 232 1.27 29.82 -19.18
C LEU A 232 1.21 30.66 -17.92
N ARG A 233 1.12 31.97 -18.10
CA ARG A 233 1.05 32.89 -16.98
C ARG A 233 -0.23 33.70 -17.07
N PHE A 234 -0.92 33.87 -15.96
CA PHE A 234 -2.15 34.66 -15.96
C PHE A 234 -1.77 36.12 -15.69
N LEU A 235 -2.54 37.04 -16.28
CA LEU A 235 -2.28 38.46 -16.11
C LEU A 235 -3.16 39.08 -15.04
N MET B 1 1.20 7.63 1.58
CA MET B 1 -0.01 8.26 2.17
C MET B 1 -0.48 7.53 3.43
N LEU B 2 0.13 6.38 3.71
CA LEU B 2 -0.23 5.61 4.90
C LEU B 2 0.42 6.19 6.15
N GLY B 3 1.51 6.93 5.97
CA GLY B 3 2.18 7.56 7.10
C GLY B 3 2.64 6.62 8.19
N LEU B 4 3.17 5.46 7.80
CA LEU B 4 3.65 4.49 8.77
C LEU B 4 4.87 5.09 9.49
N LYS B 5 4.96 4.89 10.80
CA LYS B 5 6.05 5.43 11.60
C LYS B 5 7.05 4.39 12.06
N THR B 6 6.95 3.19 11.52
CA THR B 6 7.83 2.09 11.88
C THR B 6 9.25 2.32 11.38
N SER B 7 10.23 1.62 11.99
CA SER B 7 11.62 1.77 11.61
C SER B 7 12.08 0.88 10.45
N ILE B 8 11.72 -0.39 10.52
CA ILE B 8 12.12 -1.33 9.47
C ILE B 8 10.93 -1.99 8.77
N ILE B 9 10.10 -2.67 9.56
CA ILE B 9 8.94 -3.34 8.98
C ILE B 9 7.89 -2.32 8.58
N GLY B 10 7.68 -2.18 7.28
CA GLY B 10 6.68 -1.23 6.82
C GLY B 10 7.30 -0.03 6.09
N ARG B 11 8.64 -0.05 5.96
CA ARG B 11 9.28 1.04 5.19
C ARG B 11 8.71 1.11 3.78
N ARG B 12 8.32 -0.08 3.30
CA ARG B 12 7.63 -0.20 2.02
C ARG B 12 6.51 -1.25 2.14
N VAL B 13 5.41 -1.02 1.45
CA VAL B 13 4.29 -1.94 1.47
C VAL B 13 3.77 -2.13 0.06
N ILE B 14 3.66 -3.39 -0.38
CA ILE B 14 3.14 -3.68 -1.70
C ILE B 14 1.78 -4.34 -1.49
N TYR B 15 0.74 -3.64 -1.93
CA TYR B 15 -0.63 -4.12 -1.79
C TYR B 15 -1.18 -4.68 -3.11
N PHE B 16 -1.89 -5.79 -2.99
CA PHE B 16 -2.51 -6.47 -4.15
C PHE B 16 -4.01 -6.61 -3.90
N GLN B 17 -4.83 -6.29 -4.92
CA GLN B 17 -6.24 -6.61 -4.78
C GLN B 17 -6.43 -8.12 -4.66
N GLU B 18 -5.61 -8.83 -5.46
CA GLU B 18 -5.66 -10.27 -5.50
C GLU B 18 -4.26 -10.83 -5.84
N ILE B 19 -3.90 -11.94 -5.20
CA ILE B 19 -2.59 -12.54 -5.42
C ILE B 19 -2.68 -14.06 -5.20
N THR B 20 -1.71 -14.79 -5.75
CA THR B 20 -1.68 -16.24 -5.54
C THR B 20 -1.36 -16.46 -4.06
N SER B 21 -0.21 -15.96 -3.64
CA SER B 21 0.24 -16.07 -2.25
C SER B 21 1.29 -14.99 -1.96
N THR B 22 1.10 -14.26 -0.86
CA THR B 22 2.05 -13.22 -0.51
C THR B 22 3.42 -13.82 -0.18
N ASN B 23 3.43 -15.03 0.38
CA ASN B 23 4.69 -15.68 0.72
C ASN B 23 5.43 -16.02 -0.56
N GLU B 24 4.72 -16.60 -1.51
CA GLU B 24 5.35 -16.96 -2.78
C GLU B 24 5.91 -15.74 -3.49
N PHE B 25 5.14 -14.65 -3.51
CA PHE B 25 5.60 -13.42 -4.16
C PHE B 25 6.85 -12.88 -3.46
N ALA B 26 6.83 -12.86 -2.14
CA ALA B 26 7.96 -12.34 -1.36
C ALA B 26 9.22 -13.16 -1.57
N LYS B 27 9.07 -14.47 -1.78
CA LYS B 27 10.22 -15.33 -1.98
C LYS B 27 10.88 -15.15 -3.34
N THR B 28 10.06 -15.07 -4.39
CA THR B 28 10.57 -14.95 -5.75
C THR B 28 10.83 -13.55 -6.27
N SER B 29 10.67 -12.54 -5.41
CA SER B 29 10.90 -11.16 -5.84
C SER B 29 11.98 -10.48 -5.01
N TYR B 30 12.82 -9.67 -5.65
CA TYR B 30 13.84 -8.97 -4.89
C TYR B 30 13.14 -7.83 -4.17
N LEU B 31 13.23 -7.83 -2.84
CA LEU B 31 12.59 -6.82 -2.03
C LEU B 31 13.52 -6.46 -0.87
N GLU B 32 13.58 -5.18 -0.52
CA GLU B 32 14.46 -4.78 0.58
C GLU B 32 13.87 -5.22 1.92
N GLU B 33 14.72 -5.33 2.91
CA GLU B 33 14.28 -5.75 4.23
C GLU B 33 13.19 -4.83 4.75
N GLY B 34 12.18 -5.41 5.39
CA GLY B 34 11.11 -4.62 5.94
C GLY B 34 9.91 -4.47 5.02
N THR B 35 10.05 -4.86 3.77
CA THR B 35 8.95 -4.75 2.82
C THR B 35 7.82 -5.69 3.23
N VAL B 36 6.61 -5.15 3.23
CA VAL B 36 5.42 -5.92 3.58
C VAL B 36 4.61 -6.15 2.31
N ILE B 37 4.22 -7.40 2.10
CA ILE B 37 3.42 -7.79 0.94
C ILE B 37 2.04 -8.12 1.50
N VAL B 38 1.01 -7.42 1.06
CA VAL B 38 -0.33 -7.67 1.59
C VAL B 38 -1.39 -7.71 0.49
N ALA B 39 -2.38 -8.58 0.66
CA ALA B 39 -3.42 -8.70 -0.36
C ALA B 39 -4.82 -8.86 0.22
N ASP B 40 -5.81 -8.35 -0.50
CA ASP B 40 -7.20 -8.46 -0.07
C ASP B 40 -7.62 -9.93 -0.02
N LYS B 41 -7.16 -10.68 -1.01
CA LYS B 41 -7.50 -12.11 -1.12
C LYS B 41 -6.35 -12.87 -1.76
N GLN B 42 -6.18 -14.13 -1.36
CA GLN B 42 -5.16 -14.98 -1.95
C GLN B 42 -5.89 -16.13 -2.64
N THR B 43 -5.48 -16.48 -3.86
CA THR B 43 -6.14 -17.57 -4.57
C THR B 43 -5.47 -18.91 -4.30
N MET B 44 -4.21 -18.85 -3.84
CA MET B 44 -3.44 -20.06 -3.56
C MET B 44 -2.71 -19.92 -2.22
N GLY B 45 -3.41 -19.41 -1.22
CA GLY B 45 -2.80 -19.25 0.09
C GLY B 45 -2.49 -20.61 0.66
N HIS B 46 -1.37 -20.73 1.37
CA HIS B 46 -1.03 -22.01 1.97
C HIS B 46 -0.50 -21.94 3.39
N GLY B 47 -0.61 -23.06 4.08
CA GLY B 47 -0.10 -23.13 5.45
C GLY B 47 1.14 -23.99 5.38
N ARG B 48 1.41 -24.74 6.44
CA ARG B 48 2.57 -25.62 6.47
C ARG B 48 2.28 -26.80 5.54
N LEU B 49 3.33 -27.50 5.12
CA LEU B 49 3.18 -28.63 4.21
C LEU B 49 2.40 -28.25 2.95
N ASN B 50 1.52 -29.17 2.50
CA ASN B 50 0.75 -28.89 1.28
C ASN B 50 -0.74 -28.58 1.58
N ARG B 51 -0.95 -27.77 2.65
CA ARG B 51 -2.32 -27.49 3.06
C ARG B 51 -2.76 -26.06 2.68
N LYS B 52 -4.01 -25.95 2.25
CA LYS B 52 -4.59 -24.69 1.81
C LYS B 52 -4.92 -23.78 2.99
N TRP B 53 -4.70 -22.49 2.82
CA TRP B 53 -5.04 -21.51 3.84
C TRP B 53 -6.12 -20.63 3.21
N GLU B 54 -7.35 -20.75 3.70
CA GLU B 54 -8.46 -19.96 3.17
C GLU B 54 -8.17 -18.48 3.39
N SER B 55 -8.17 -17.73 2.29
CA SER B 55 -7.86 -16.30 2.35
C SER B 55 -8.87 -15.40 1.62
N PRO B 56 -10.14 -15.43 2.04
CA PRO B 56 -11.15 -14.59 1.38
C PRO B 56 -11.04 -13.13 1.81
N GLU B 57 -11.79 -12.25 1.14
CA GLU B 57 -11.75 -10.84 1.48
C GLU B 57 -12.25 -10.63 2.90
N GLY B 58 -11.64 -9.68 3.60
CA GLY B 58 -12.04 -9.39 4.96
C GLY B 58 -10.95 -9.75 5.97
N GLY B 59 -9.99 -10.57 5.56
CA GLY B 59 -8.92 -10.96 6.45
C GLY B 59 -7.62 -10.24 6.17
N LEU B 60 -6.63 -10.46 7.03
CA LEU B 60 -5.32 -9.82 6.86
C LEU B 60 -4.32 -10.89 6.45
N TRP B 61 -3.93 -10.86 5.18
CA TRP B 61 -2.99 -11.82 4.62
C TRP B 61 -1.73 -11.07 4.20
N LEU B 62 -0.63 -11.29 4.91
CA LEU B 62 0.59 -10.58 4.57
C LEU B 62 1.88 -11.35 4.81
N SER B 63 2.95 -10.86 4.20
CA SER B 63 4.27 -11.45 4.34
C SER B 63 5.27 -10.30 4.55
N ILE B 64 6.29 -10.55 5.36
CA ILE B 64 7.29 -9.53 5.64
C ILE B 64 8.66 -10.08 5.29
N VAL B 65 9.45 -9.31 4.54
CA VAL B 65 10.79 -9.73 4.17
C VAL B 65 11.79 -9.31 5.23
N LEU B 66 12.57 -10.27 5.72
CA LEU B 66 13.56 -9.99 6.75
C LEU B 66 14.90 -10.64 6.39
N SER B 67 15.98 -10.04 6.87
CA SER B 67 17.31 -10.61 6.64
C SER B 67 18.07 -10.34 7.93
N PRO B 68 17.65 -11.00 9.03
CA PRO B 68 18.21 -10.90 10.38
C PRO B 68 19.68 -11.24 10.49
N LYS B 69 20.47 -10.26 10.94
CA LYS B 69 21.89 -10.50 11.12
C LYS B 69 22.07 -10.96 12.55
N VAL B 70 21.74 -12.23 12.77
CA VAL B 70 21.86 -12.86 14.07
C VAL B 70 22.41 -14.26 13.86
N PRO B 71 22.90 -14.89 14.94
CA PRO B 71 23.44 -16.24 14.83
C PRO B 71 22.46 -17.20 14.18
N GLN B 72 22.98 -18.13 13.38
CA GLN B 72 22.16 -19.09 12.67
C GLN B 72 21.16 -19.79 13.60
N LYS B 73 21.61 -20.09 14.81
CA LYS B 73 20.76 -20.79 15.78
C LYS B 73 19.54 -19.99 16.25
N ASP B 74 19.54 -18.68 16.02
CA ASP B 74 18.42 -17.83 16.44
C ASP B 74 17.35 -17.69 15.37
N LEU B 75 17.73 -17.90 14.11
CA LEU B 75 16.81 -17.77 12.99
C LEU B 75 15.47 -18.51 13.12
N PRO B 76 15.47 -19.70 13.74
CA PRO B 76 14.21 -20.43 13.89
C PRO B 76 13.13 -19.74 14.75
N LYS B 77 13.52 -18.69 15.48
CA LYS B 77 12.57 -17.98 16.35
C LYS B 77 11.72 -16.91 15.67
N ILE B 78 11.97 -16.66 14.39
CA ILE B 78 11.20 -15.65 13.67
C ILE B 78 9.71 -15.96 13.72
N VAL B 79 9.34 -17.23 13.61
CA VAL B 79 7.93 -17.61 13.66
C VAL B 79 7.26 -17.07 14.93
N PHE B 80 8.00 -17.07 16.05
CA PHE B 80 7.45 -16.60 17.31
C PHE B 80 7.18 -15.09 17.30
N LEU B 81 7.98 -14.35 16.55
CA LEU B 81 7.76 -12.90 16.47
C LEU B 81 6.39 -12.68 15.86
N GLY B 82 6.05 -13.47 14.85
CA GLY B 82 4.75 -13.34 14.23
C GLY B 82 3.61 -13.71 15.18
N ALA B 83 3.75 -14.83 15.86
CA ALA B 83 2.73 -15.28 16.79
C ALA B 83 2.51 -14.28 17.92
N VAL B 84 3.60 -13.79 18.50
CA VAL B 84 3.48 -12.83 19.59
C VAL B 84 2.91 -11.49 19.12
N GLY B 85 3.29 -11.08 17.90
CA GLY B 85 2.77 -9.84 17.36
C GLY B 85 1.26 -9.93 17.26
N VAL B 86 0.76 -11.05 16.75
CA VAL B 86 -0.68 -11.24 16.64
C VAL B 86 -1.34 -11.17 18.02
N VAL B 87 -0.76 -11.86 19.00
CA VAL B 87 -1.31 -11.85 20.35
C VAL B 87 -1.41 -10.42 20.90
N GLU B 88 -0.35 -9.63 20.70
CA GLU B 88 -0.34 -8.25 21.20
C GLU B 88 -1.42 -7.41 20.51
N THR B 89 -1.56 -7.57 19.20
CA THR B 89 -2.58 -6.83 18.47
C THR B 89 -3.97 -7.23 18.94
N LEU B 90 -4.21 -8.52 19.08
CA LEU B 90 -5.50 -8.98 19.55
C LEU B 90 -5.85 -8.37 20.89
N LYS B 91 -4.87 -8.27 21.78
CA LYS B 91 -5.12 -7.70 23.10
C LYS B 91 -5.56 -6.24 23.01
N GLU B 92 -4.99 -5.52 22.06
CA GLU B 92 -5.33 -4.11 21.85
C GLU B 92 -6.81 -3.97 21.49
N PHE B 93 -7.34 -5.02 20.84
CA PHE B 93 -8.75 -5.01 20.46
C PHE B 93 -9.61 -5.78 21.48
N SER B 94 -8.99 -6.06 22.66
CA SER B 94 -9.68 -6.72 23.78
C SER B 94 -10.02 -8.19 23.49
N ILE B 95 -9.14 -8.87 22.75
CA ILE B 95 -9.34 -10.27 22.47
C ILE B 95 -8.15 -11.01 23.07
N ASP B 96 -8.42 -12.11 23.78
CA ASP B 96 -7.34 -12.86 24.39
C ASP B 96 -6.89 -14.06 23.58
N GLY B 97 -5.81 -13.89 22.82
CA GLY B 97 -5.29 -14.99 22.02
C GLY B 97 -4.22 -15.76 22.76
N ARG B 98 -4.15 -17.06 22.51
CA ARG B 98 -3.16 -17.93 23.13
C ARG B 98 -2.44 -18.67 22.03
N ILE B 99 -1.11 -18.79 22.16
CA ILE B 99 -0.32 -19.46 21.14
C ILE B 99 -0.30 -20.98 21.20
N LYS B 100 -0.66 -21.61 20.09
CA LYS B 100 -0.61 -23.05 19.99
C LYS B 100 0.75 -23.25 19.33
N TRP B 101 1.71 -23.74 20.10
CA TRP B 101 3.04 -23.96 19.59
C TRP B 101 2.99 -24.69 18.26
N PRO B 102 3.78 -24.25 17.27
CA PRO B 102 4.69 -23.11 17.36
C PRO B 102 4.27 -21.93 16.47
N ASN B 103 3.22 -22.13 15.69
CA ASN B 103 2.80 -21.13 14.70
C ASN B 103 1.36 -20.65 14.68
N ALA B 104 0.55 -20.96 15.68
CA ALA B 104 -0.84 -20.54 15.63
C ALA B 104 -1.32 -19.80 16.85
N VAL B 105 -2.39 -19.02 16.67
CA VAL B 105 -2.98 -18.28 17.77
C VAL B 105 -4.45 -18.67 17.83
N LEU B 106 -4.86 -19.13 19.00
CA LEU B 106 -6.24 -19.56 19.21
C LEU B 106 -6.95 -18.65 20.20
N VAL B 107 -8.27 -18.59 20.09
CA VAL B 107 -9.10 -17.82 21.01
C VAL B 107 -10.13 -18.86 21.42
N ASN B 108 -10.09 -19.25 22.69
CA ASN B 108 -11.00 -20.26 23.20
C ASN B 108 -10.83 -21.54 22.36
N TYR B 109 -9.57 -21.86 22.07
CA TYR B 109 -9.20 -23.03 21.28
C TYR B 109 -9.61 -23.05 19.81
N LYS B 110 -10.10 -21.92 19.31
CA LYS B 110 -10.48 -21.81 17.90
C LYS B 110 -9.40 -20.99 17.21
N LYS B 111 -8.88 -21.50 16.10
CA LYS B 111 -7.80 -20.82 15.36
C LYS B 111 -8.20 -19.51 14.73
N ILE B 112 -7.51 -18.43 15.11
CA ILE B 112 -7.81 -17.11 14.57
C ILE B 112 -6.67 -16.63 13.67
N ALA B 113 -5.50 -17.24 13.78
CA ALA B 113 -4.36 -16.85 12.99
C ALA B 113 -3.30 -17.94 12.86
N GLY B 114 -2.54 -17.87 11.76
CA GLY B 114 -1.48 -18.83 11.52
C GLY B 114 -0.26 -18.11 10.98
N VAL B 115 0.91 -18.63 11.32
CA VAL B 115 2.18 -18.03 10.89
C VAL B 115 2.98 -19.06 10.09
N LEU B 116 3.56 -18.62 8.98
CA LEU B 116 4.37 -19.49 8.13
C LEU B 116 5.65 -18.80 7.71
N VAL B 117 6.78 -19.34 8.15
CA VAL B 117 8.07 -18.76 7.82
C VAL B 117 8.80 -19.60 6.76
N GLU B 118 9.29 -18.93 5.73
CA GLU B 118 10.02 -19.61 4.66
C GLU B 118 11.24 -18.78 4.33
N GLY B 119 12.17 -19.38 3.59
CA GLY B 119 13.38 -18.64 3.24
C GLY B 119 13.98 -18.97 1.90
N LYS B 120 14.21 -17.95 1.10
CA LYS B 120 14.87 -18.17 -0.16
C LYS B 120 16.12 -17.32 -0.18
N GLY B 121 17.21 -17.94 -0.60
CA GLY B 121 18.49 -17.26 -0.56
C GLY B 121 18.72 -17.05 0.93
N ASP B 122 19.13 -15.86 1.32
CA ASP B 122 19.34 -15.59 2.73
C ASP B 122 18.35 -14.57 3.25
N LYS B 123 17.19 -14.50 2.60
CA LYS B 123 16.15 -13.60 3.05
C LYS B 123 15.17 -14.53 3.74
N ILE B 124 14.49 -14.03 4.76
CA ILE B 124 13.50 -14.82 5.47
C ILE B 124 12.15 -14.15 5.23
N VAL B 125 11.14 -14.96 4.94
CA VAL B 125 9.80 -14.44 4.69
C VAL B 125 8.89 -14.84 5.83
N LEU B 126 8.37 -13.85 6.56
CA LEU B 126 7.46 -14.08 7.67
C LEU B 126 6.03 -13.89 7.20
N GLY B 127 5.30 -14.98 7.05
CA GLY B 127 3.92 -14.89 6.58
C GLY B 127 2.92 -15.00 7.72
N ILE B 128 1.93 -14.13 7.71
CA ILE B 128 0.91 -14.14 8.76
C ILE B 128 -0.49 -14.05 8.18
N GLY B 129 -1.36 -14.96 8.60
CA GLY B 129 -2.74 -14.94 8.14
C GLY B 129 -3.61 -14.74 9.37
N LEU B 130 -4.36 -13.65 9.41
CA LEU B 130 -5.22 -13.35 10.56
C LEU B 130 -6.66 -13.12 10.11
N ASN B 131 -7.59 -13.88 10.69
CA ASN B 131 -9.01 -13.73 10.36
C ASN B 131 -9.58 -12.49 11.04
N VAL B 132 -10.06 -11.55 10.24
CA VAL B 132 -10.63 -10.34 10.79
C VAL B 132 -12.13 -10.26 10.55
N ASN B 133 -12.54 -9.89 9.33
CA ASN B 133 -13.97 -9.80 9.01
C ASN B 133 -14.43 -10.88 8.03
N ASN B 134 -13.49 -11.68 7.54
CA ASN B 134 -13.76 -12.74 6.58
C ASN B 134 -14.46 -13.95 7.16
N LYS B 135 -15.10 -14.74 6.29
CA LYS B 135 -15.74 -15.96 6.75
C LYS B 135 -14.59 -16.92 7.03
N VAL B 136 -14.77 -17.80 7.99
CA VAL B 136 -13.72 -18.75 8.33
C VAL B 136 -14.22 -20.19 8.31
N PRO B 137 -13.30 -21.14 8.11
CA PRO B 137 -13.71 -22.54 8.08
C PRO B 137 -14.28 -22.95 9.43
N ASN B 138 -15.18 -23.93 9.42
CA ASN B 138 -15.80 -24.40 10.65
C ASN B 138 -14.73 -24.72 11.69
N GLY B 139 -14.98 -24.35 12.93
CA GLY B 139 -14.03 -24.61 13.99
C GLY B 139 -13.08 -23.46 14.26
N ALA B 140 -12.89 -22.60 13.25
CA ALA B 140 -12.01 -21.44 13.38
C ALA B 140 -12.79 -20.24 13.87
N THR B 141 -12.12 -19.11 14.04
CA THR B 141 -12.78 -17.90 14.50
C THR B 141 -12.12 -16.67 13.89
N SER B 142 -12.70 -15.49 14.17
CA SER B 142 -12.18 -14.23 13.65
C SER B 142 -12.41 -13.09 14.62
N MET B 143 -11.75 -11.97 14.39
CA MET B 143 -11.90 -10.80 15.26
C MET B 143 -13.36 -10.34 15.28
N LYS B 144 -14.01 -10.39 14.11
CA LYS B 144 -15.40 -9.99 13.99
C LYS B 144 -16.33 -10.89 14.80
N LEU B 145 -16.08 -12.20 14.72
CA LEU B 145 -16.89 -13.16 15.46
C LEU B 145 -16.67 -13.04 16.98
N GLU B 146 -15.46 -12.68 17.37
CA GLU B 146 -15.15 -12.54 18.80
C GLU B 146 -15.69 -11.23 19.38
N LEU B 147 -15.75 -10.19 18.57
CA LEU B 147 -16.22 -8.89 19.03
C LEU B 147 -17.68 -8.62 18.66
N GLY B 148 -18.22 -9.43 17.76
CA GLY B 148 -19.60 -9.25 17.35
C GLY B 148 -19.83 -8.04 16.48
N SER B 149 -18.77 -7.53 15.86
CA SER B 149 -18.88 -6.37 14.98
C SER B 149 -17.73 -6.28 13.99
N GLU B 150 -17.95 -5.54 12.92
CA GLU B 150 -16.95 -5.34 11.88
C GLU B 150 -15.75 -4.64 12.52
N VAL B 151 -14.54 -5.01 12.10
CA VAL B 151 -13.33 -4.40 12.63
C VAL B 151 -12.58 -3.71 11.49
N PRO B 152 -12.17 -2.46 11.67
CA PRO B 152 -11.45 -1.75 10.61
C PRO B 152 -10.18 -2.50 10.25
N LEU B 153 -10.17 -3.11 9.07
CA LEU B 153 -9.01 -3.90 8.63
C LEU B 153 -7.70 -3.12 8.67
N LEU B 154 -7.70 -1.89 8.17
CA LEU B 154 -6.46 -1.11 8.18
C LEU B 154 -5.97 -0.83 9.60
N SER B 155 -6.90 -0.70 10.54
CA SER B 155 -6.50 -0.45 11.92
C SER B 155 -5.75 -1.65 12.46
N VAL B 156 -6.19 -2.85 12.07
CA VAL B 156 -5.54 -4.07 12.52
C VAL B 156 -4.15 -4.14 11.90
N PHE B 157 -4.07 -3.78 10.62
CA PHE B 157 -2.79 -3.77 9.90
C PHE B 157 -1.80 -2.84 10.60
N ARG B 158 -2.22 -1.60 10.84
CA ARG B 158 -1.34 -0.62 11.50
C ARG B 158 -0.84 -1.12 12.84
N SER B 159 -1.74 -1.70 13.63
CA SER B 159 -1.40 -2.23 14.94
C SER B 159 -0.38 -3.37 14.84
N LEU B 160 -0.66 -4.33 13.97
CA LEU B 160 0.23 -5.49 13.80
C LEU B 160 1.62 -5.10 13.32
N ILE B 161 1.69 -4.24 12.32
CA ILE B 161 2.96 -3.80 11.78
C ILE B 161 3.77 -3.08 12.87
N THR B 162 3.09 -2.26 13.65
CA THR B 162 3.75 -1.53 14.73
C THR B 162 4.34 -2.50 15.75
N ASN B 163 3.54 -3.49 16.17
CA ASN B 163 4.03 -4.45 17.14
C ASN B 163 5.19 -5.28 16.59
N LEU B 164 5.06 -5.72 15.34
CA LEU B 164 6.09 -6.53 14.73
C LEU B 164 7.42 -5.77 14.58
N ASP B 165 7.34 -4.50 14.22
CA ASP B 165 8.54 -3.69 14.05
C ASP B 165 9.30 -3.62 15.39
N ARG B 166 8.56 -3.41 16.48
CA ARG B 166 9.16 -3.32 17.81
C ARG B 166 9.79 -4.65 18.20
N LEU B 167 9.04 -5.74 18.04
CA LEU B 167 9.54 -7.07 18.37
C LEU B 167 10.78 -7.44 17.58
N TYR B 168 10.79 -7.09 16.30
CA TYR B 168 11.92 -7.40 15.42
C TYR B 168 13.17 -6.62 15.80
N LEU B 169 13.01 -5.32 16.05
CA LEU B 169 14.14 -4.48 16.42
C LEU B 169 14.79 -5.00 17.70
N ASN B 170 13.97 -5.45 18.65
CA ASN B 170 14.53 -5.96 19.89
C ASN B 170 15.17 -7.32 19.66
N PHE B 171 14.56 -8.11 18.77
CA PHE B 171 15.07 -9.44 18.47
C PHE B 171 16.50 -9.37 17.92
N LEU B 172 16.76 -8.33 17.13
CA LEU B 172 18.08 -8.15 16.54
C LEU B 172 19.15 -7.94 17.60
N LYS B 173 18.75 -7.36 18.73
CA LYS B 173 19.68 -7.08 19.83
C LYS B 173 19.66 -8.12 20.94
N ASN B 174 18.46 -8.55 21.30
CA ASN B 174 18.25 -9.52 22.38
C ASN B 174 17.38 -10.65 21.85
N PRO B 175 17.95 -11.52 20.99
CA PRO B 175 17.22 -12.65 20.40
C PRO B 175 16.58 -13.67 21.33
N MET B 176 16.94 -13.65 22.61
CA MET B 176 16.35 -14.60 23.55
C MET B 176 15.07 -14.09 24.20
N ASP B 177 14.87 -12.77 24.19
CA ASP B 177 13.68 -12.17 24.81
C ASP B 177 12.36 -12.74 24.33
N ILE B 178 12.26 -13.03 23.03
CA ILE B 178 11.02 -13.54 22.46
C ILE B 178 10.53 -14.83 23.12
N LEU B 179 11.46 -15.66 23.57
CA LEU B 179 11.10 -16.92 24.20
C LEU B 179 10.21 -16.76 25.42
N ASN B 180 10.54 -15.82 26.31
CA ASN B 180 9.72 -15.61 27.49
C ASN B 180 8.35 -15.04 27.13
N LEU B 181 8.28 -14.26 26.05
CA LEU B 181 7.00 -13.70 25.62
C LEU B 181 6.10 -14.83 25.12
N VAL B 182 6.72 -15.82 24.47
CA VAL B 182 5.96 -16.95 23.96
C VAL B 182 5.48 -17.80 25.14
N ARG B 183 6.37 -18.08 26.08
CA ARG B 183 6.02 -18.90 27.25
C ARG B 183 4.82 -18.34 28.00
N ASP B 184 4.82 -17.03 28.23
CA ASP B 184 3.75 -16.40 28.98
C ASP B 184 2.44 -16.32 28.20
N ASN B 185 2.51 -16.55 26.89
CA ASN B 185 1.32 -16.44 26.06
C ASN B 185 0.95 -17.72 25.30
N MET B 186 1.56 -18.84 25.66
CA MET B 186 1.22 -20.09 24.97
C MET B 186 0.44 -21.05 25.86
N ILE B 187 -0.19 -22.03 25.22
CA ILE B 187 -0.98 -23.02 25.92
C ILE B 187 -0.07 -24.12 26.46
N LEU B 188 0.02 -24.22 27.78
CA LEU B 188 0.87 -25.21 28.43
C LEU B 188 0.12 -25.95 29.53
N GLY B 189 0.72 -27.03 30.02
CA GLY B 189 0.11 -27.82 31.08
C GLY B 189 -1.03 -28.70 30.65
N VAL B 190 -1.10 -28.99 29.36
CA VAL B 190 -2.18 -29.82 28.82
C VAL B 190 -1.59 -30.95 28.00
N ARG B 191 -2.36 -32.01 27.80
CA ARG B 191 -1.90 -33.14 27.04
C ARG B 191 -1.99 -32.93 25.53
N VAL B 192 -0.95 -33.37 24.83
CA VAL B 192 -0.91 -33.25 23.38
C VAL B 192 -0.34 -34.52 22.76
N LYS B 193 -0.64 -34.73 21.50
CA LYS B 193 -0.12 -35.88 20.79
C LYS B 193 0.62 -35.37 19.58
N ILE B 194 1.84 -35.88 19.37
CA ILE B 194 2.65 -35.49 18.23
C ILE B 194 2.41 -36.59 17.19
N LEU B 195 1.91 -36.18 16.03
CA LEU B 195 1.59 -37.13 14.96
C LEU B 195 2.77 -37.47 14.05
N GLY B 196 2.67 -38.62 13.37
CA GLY B 196 3.72 -39.05 12.47
C GLY B 196 4.39 -40.33 12.96
N ASP B 197 5.51 -40.70 12.35
CA ASP B 197 6.20 -41.91 12.78
C ASP B 197 6.80 -41.68 14.17
N GLY B 198 6.71 -42.73 15.01
CA GLY B 198 7.20 -42.58 16.38
C GLY B 198 6.31 -41.63 17.18
N SER B 199 5.05 -41.53 16.72
CA SER B 199 4.09 -40.68 17.41
C SER B 199 4.08 -40.98 18.91
N PHE B 200 3.70 -39.99 19.72
CA PHE B 200 3.66 -40.15 21.16
C PHE B 200 2.80 -39.06 21.79
N GLU B 201 2.41 -39.28 23.05
CA GLU B 201 1.58 -38.32 23.78
C GLU B 201 2.22 -37.94 25.09
N GLY B 202 1.81 -36.80 25.63
CA GLY B 202 2.35 -36.34 26.90
C GLY B 202 1.91 -34.93 27.23
N ILE B 203 2.41 -34.40 28.34
CA ILE B 203 2.06 -33.05 28.77
C ILE B 203 3.01 -32.02 28.19
N ALA B 204 2.45 -31.00 27.55
CA ALA B 204 3.25 -29.92 26.98
C ALA B 204 3.66 -29.07 28.19
N GLU B 205 4.91 -29.22 28.61
CA GLU B 205 5.41 -28.53 29.79
C GLU B 205 5.91 -27.11 29.60
N ASP B 206 6.68 -26.89 28.53
CA ASP B 206 7.28 -25.57 28.30
C ASP B 206 8.03 -25.63 26.98
N ILE B 207 8.73 -24.55 26.63
CA ILE B 207 9.56 -24.53 25.43
C ILE B 207 10.95 -24.27 25.99
N ASP B 208 11.99 -24.83 25.38
CA ASP B 208 13.32 -24.61 25.91
C ASP B 208 14.01 -23.40 25.30
N ASP B 209 15.31 -23.28 25.53
CA ASP B 209 16.08 -22.14 25.05
C ASP B 209 16.20 -22.09 23.51
N PHE B 210 15.80 -23.19 22.83
CA PHE B 210 15.81 -23.24 21.38
C PHE B 210 14.40 -23.11 20.78
N GLY B 211 13.41 -23.00 21.69
CA GLY B 211 12.03 -22.90 21.24
C GLY B 211 11.40 -24.28 21.01
N ARG B 212 12.10 -25.32 21.42
CA ARG B 212 11.60 -26.68 21.25
C ARG B 212 10.50 -26.93 22.29
N LEU B 213 9.45 -27.64 21.90
CA LEU B 213 8.38 -27.94 22.84
C LEU B 213 8.85 -29.11 23.70
N ILE B 214 8.75 -28.93 25.03
CA ILE B 214 9.17 -29.98 25.96
C ILE B 214 7.93 -30.77 26.38
N ILE B 215 7.94 -32.07 26.07
CA ILE B 215 6.82 -32.92 26.41
C ILE B 215 7.20 -34.00 27.40
N ARG B 216 6.40 -34.16 28.46
CA ARG B 216 6.66 -35.20 29.45
C ARG B 216 5.69 -36.34 29.18
N LEU B 217 6.23 -37.49 28.78
CA LEU B 217 5.39 -38.65 28.52
C LEU B 217 5.00 -39.29 29.86
N ASP B 218 3.92 -40.06 29.85
CA ASP B 218 3.44 -40.71 31.07
C ASP B 218 4.50 -41.57 31.76
N SER B 219 5.45 -42.07 30.99
CA SER B 219 6.52 -42.91 31.53
C SER B 219 7.56 -42.06 32.28
N GLY B 220 7.48 -40.74 32.07
CA GLY B 220 8.46 -39.86 32.69
C GLY B 220 9.50 -39.38 31.69
N GLU B 221 9.55 -40.09 30.53
CA GLU B 221 10.49 -39.69 29.49
C GLU B 221 10.19 -38.27 29.01
N VAL B 222 11.24 -37.52 28.74
CA VAL B 222 11.08 -36.15 28.24
C VAL B 222 11.58 -36.07 26.82
N LYS B 223 10.73 -35.59 25.92
CA LYS B 223 11.11 -35.45 24.53
C LYS B 223 11.10 -33.98 24.16
N LYS B 224 11.96 -33.61 23.22
CA LYS B 224 12.08 -32.22 22.77
C LYS B 224 11.68 -32.17 21.31
N VAL B 225 10.59 -31.47 21.03
CA VAL B 225 10.07 -31.37 19.67
C VAL B 225 10.52 -30.12 18.95
N ILE B 226 11.17 -30.32 17.80
CA ILE B 226 11.61 -29.19 16.99
C ILE B 226 10.42 -28.87 16.10
N TYR B 227 10.20 -27.59 15.83
CA TYR B 227 9.08 -27.18 14.99
C TYR B 227 9.38 -27.19 13.49
N GLY B 228 9.01 -28.28 12.83
CA GLY B 228 9.21 -28.46 11.41
C GLY B 228 7.93 -28.93 10.72
N ASP B 229 7.96 -30.19 10.25
CA ASP B 229 6.74 -30.78 9.72
C ASP B 229 5.85 -31.31 10.86
N VAL B 230 6.00 -30.67 12.04
CA VAL B 230 5.33 -31.18 13.25
C VAL B 230 3.83 -30.92 13.26
N SER B 231 3.08 -32.01 13.38
CA SER B 231 1.62 -31.95 13.50
C SER B 231 1.32 -32.27 14.96
N LEU B 232 0.61 -31.37 15.63
CA LEU B 232 0.30 -31.53 17.04
C LEU B 232 -1.21 -31.44 17.29
N ARG B 233 -1.71 -32.30 18.17
CA ARG B 233 -3.14 -32.33 18.49
C ARG B 233 -3.36 -32.25 20.00
N PHE B 234 -4.39 -31.50 20.41
CA PHE B 234 -4.71 -31.39 21.83
C PHE B 234 -5.58 -32.58 22.19
N LEU B 235 -5.27 -33.23 23.30
CA LEU B 235 -6.02 -34.39 23.76
C LEU B 235 -7.02 -34.07 24.87
PG ATP C . 2.78 26.14 -13.20
O1G ATP C . 3.62 26.19 -11.94
O2G ATP C . 2.73 27.55 -13.79
O3G ATP C . 1.38 25.65 -12.87
PB ATP C . 3.76 23.62 -14.35
O1B ATP C . 4.06 23.09 -15.72
O2B ATP C . 2.55 22.94 -13.80
O3B ATP C . 3.50 25.26 -14.39
PA ATP C . 6.52 23.22 -13.67
O1A ATP C . 6.76 22.00 -14.45
O2A ATP C . 7.02 24.39 -14.43
O3A ATP C . 4.94 23.47 -13.29
O5' ATP C . 7.26 23.04 -12.27
C5' ATP C . 6.59 23.12 -10.99
C4' ATP C . 6.57 24.47 -10.29
O4' ATP C . 5.58 24.36 -9.21
C3' ATP C . 7.86 24.90 -9.60
O3' ATP C . 8.70 25.65 -10.50
C2' ATP C . 7.33 25.66 -8.40
O2' ATP C . 7.19 27.06 -8.64
C1' ATP C . 5.97 25.07 -8.05
N9 ATP C . 5.89 24.07 -6.95
C8 ATP C . 6.87 23.22 -6.41
N7 ATP C . 6.43 22.45 -5.42
C5 ATP C . 5.09 22.81 -5.29
C6 ATP C . 4.04 22.34 -4.42
N6 ATP C . 4.21 21.40 -3.49
N1 ATP C . 2.77 22.93 -4.57
C2 ATP C . 2.56 23.88 -5.52
N3 ATP C . 3.49 24.38 -6.38
C4 ATP C . 4.74 23.79 -6.23
C11 BTN D . 4.05 20.27 -12.28
O11 BTN D . 3.22 21.01 -11.71
O12 BTN D . 4.91 20.73 -13.10
C10 BTN D . 4.07 18.79 -12.03
C9 BTN D . 4.29 18.23 -10.68
C8 BTN D . 4.15 16.76 -10.61
C7 BTN D . 4.38 16.28 -9.19
C2 BTN D . 4.26 14.79 -8.96
S1 BTN D . 4.55 14.35 -7.24
C6 BTN D . 4.32 12.63 -7.74
C5 BTN D . 5.27 12.56 -8.98
N1 BTN D . 6.69 12.36 -8.61
C3 BTN D . 7.45 13.41 -9.08
O3 BTN D . 8.68 13.55 -8.92
N2 BTN D . 6.66 14.31 -9.75
C4 BTN D . 5.26 13.88 -9.77
PG ATP E . -3.11 -26.82 13.33
O1G ATP E . -3.04 -25.53 14.10
O2G ATP E . -4.57 -27.11 12.99
O3G ATP E . -2.53 -27.94 14.17
PB ATP E . -1.18 -25.66 11.44
O1B ATP E . 0.14 -26.35 11.42
O2B ATP E . -1.12 -24.51 12.37
O3B ATP E . -2.37 -26.73 11.86
PA ATP E . -1.32 -25.99 8.66
O1A ATP E . -0.02 -25.72 8.07
O2A ATP E . -1.42 -27.42 9.00
O3A ATP E . -1.65 -25.17 10.02
O5' ATP E . -2.42 -25.57 7.62
C5' ATP E . -3.48 -24.67 7.96
C4' ATP E . -4.70 -25.33 8.54
O4' ATP E . -5.52 -24.26 9.07
C3' ATP E . -5.57 -26.08 7.54
O3' ATP E . -5.22 -27.47 7.54
C2' ATP E . -6.96 -25.74 8.00
O2' ATP E . -7.51 -26.76 8.84
C1' ATP E . -6.88 -24.44 8.79
N9 ATP E . -7.23 -23.16 8.11
C8 ATP E . -7.21 -22.81 6.76
N7 ATP E . -7.58 -21.57 6.51
C5 ATP E . -7.86 -21.05 7.76
C6 ATP E . -8.32 -19.77 8.22
N6 ATP E . -8.56 -18.74 7.40
N1 ATP E . -8.51 -19.58 9.60
C2 ATP E . -8.26 -20.62 10.46
N3 ATP E . -7.83 -21.87 10.13
C4 ATP E . -7.65 -22.03 8.76
C11 BTN F . -0.51 -22.09 9.30
O11 BTN F . -1.30 -21.87 10.25
O12 BTN F . -0.16 -23.25 8.97
C10 BTN F . 0.06 -20.97 8.51
C9 BTN F . -0.78 -20.04 7.72
C8 BTN F . -0.03 -18.89 7.13
C7 BTN F . -0.95 -17.98 6.35
C2 BTN F . -0.31 -16.77 5.71
S1 BTN F . -1.51 -15.80 4.80
C6 BTN F . -0.15 -14.71 4.31
C5 BTN F . 0.90 -15.75 3.82
N1 BTN F . 0.66 -16.20 2.42
C3 BTN F . 0.46 -17.56 2.40
O3 BTN F . 0.22 -18.25 1.38
N2 BTN F . 0.55 -18.09 3.68
C4 BTN F . 0.84 -17.05 4.66
#